data_6D27
#
_entry.id   6D27
#
_cell.length_a   52.175
_cell.length_b   62.636
_cell.length_c   272.215
_cell.angle_alpha   90.000
_cell.angle_beta   90.000
_cell.angle_gamma   90.000
#
_symmetry.space_group_name_H-M   'P 21 21 21'
#
loop_
_entity.id
_entity.type
_entity.pdbx_description
1 polymer 'Prostaglandin D2 receptor 2, Endolysin chimera'
2 non-polymer 'SULFATE ION'
3 non-polymer '[(3R)-3-{[(4-fluorophenyl)sulfonyl](methyl)amino}-1,2,3,4-tetrahydro-9H-carbazol-9-yl]acetic acid'
4 non-polymer '2-(N-MORPHOLINO)-ETHANESULFONIC ACID'
5 non-polymer 'OLEIC ACID'
6 non-polymer 'TRIETHYLENE GLYCOL'
7 non-polymer S-1,2-PROPANEDIOL
8 non-polymer DI(HYDROXYETHYL)ETHER
9 water water
#
_entity_poly.entity_id   1
_entity_poly.type   'polypeptide(L)'
_entity_poly.pdbx_seq_one_letter_code
;GMSANATLKPLCPILEQMSRLQSHSATSIRYIDHAAVLLHGLASLLGLVENGVILFVVGCRMRQTVVTTWVLHLALSDLL
ASASLPFFTYFLAVGHSWELGTTFCKLHSSIFFLNMFASGFLLSAISLDRCLQVVRPVWAQNHRTVAAAHKVCLVLWALA
VLNTVPYFVFRDTISRLDGRIMCYYNVLLLNPGPDRDATCNSRQAALAVSKFLLAFLVPLAIIASSHAAVSLRLQHRADL
GLQHRNIFEMLRIDEGGGSGGDEAEKLFNQDVDAAVRGILRNAKLKPVYDSLDAVRRAALINMVFQMGETGVAGFTNSLR
MLQQKRWDEAAVNLAKSRWYNQTPNRAKRVITTFRTGTWDAYRRRPGRFVRLVAAVVAAFALCWGPYHVFSLLEARAHAN
PGLRPLVWRGLPFVTSLAFFNSVANPVLYVLT(YCM)PDMLRKLRRSLRTVLESVLVDDSELGGAGSSLEVLFQ
;
_entity_poly.pdbx_strand_id   A
#
loop_
_chem_comp.id
_chem_comp.type
_chem_comp.name
_chem_comp.formula
FT4 non-polymer '[(3R)-3-{[(4-fluorophenyl)sulfonyl](methyl)amino}-1,2,3,4-tetrahydro-9H-carbazol-9-yl]acetic acid' 'C21 H21 F N2 O4 S'
MES non-polymer '2-(N-MORPHOLINO)-ETHANESULFONIC ACID' 'C6 H13 N O4 S'
OLA non-polymer 'OLEIC ACID' 'C18 H34 O2'
PEG non-polymer DI(HYDROXYETHYL)ETHER 'C4 H10 O3'
PGE non-polymer 'TRIETHYLENE GLYCOL' 'C6 H14 O4'
PGO non-polymer S-1,2-PROPANEDIOL 'C3 H8 O2'
SO4 non-polymer 'SULFATE ION' 'O4 S -2'
#
# COMPACT_ATOMS: atom_id res chain seq x y z
N ALA A 6 47.87 -2.62 -5.80
CA ALA A 6 46.87 -2.20 -4.82
C ALA A 6 46.21 -0.90 -5.24
N THR A 7 45.02 -0.63 -4.69
CA THR A 7 44.29 0.58 -5.01
C THR A 7 44.08 1.45 -3.78
N LEU A 8 43.36 2.55 -3.95
CA LEU A 8 43.07 3.46 -2.85
C LEU A 8 41.87 4.35 -3.16
N LYS A 9 40.85 4.31 -2.31
CA LYS A 9 39.66 5.13 -2.51
C LYS A 9 39.56 6.21 -1.44
N PRO A 10 39.20 7.44 -1.85
CA PRO A 10 38.92 8.53 -0.91
C PRO A 10 37.57 8.34 -0.22
N LEU A 11 37.53 8.59 1.09
CA LEU A 11 36.33 8.34 1.87
C LEU A 11 35.90 9.56 2.68
N CYS A 12 34.62 9.61 3.04
CA CYS A 12 34.08 10.68 3.87
C CYS A 12 34.58 10.54 5.31
N PRO A 13 34.73 11.67 6.01
CA PRO A 13 35.18 11.66 7.42
C PRO A 13 34.31 10.78 8.33
N ILE A 14 33.03 10.65 8.00
CA ILE A 14 32.14 9.80 8.76
C ILE A 14 32.58 8.34 8.68
N LEU A 15 33.06 7.95 7.50
CA LEU A 15 33.51 6.58 7.26
C LEU A 15 34.90 6.30 7.81
N GLU A 16 35.81 7.25 7.64
CA GLU A 16 37.20 7.05 7.98
C GLU A 16 37.40 6.74 9.47
N GLN A 17 36.59 7.36 10.31
CA GLN A 17 36.65 7.09 11.75
C GLN A 17 36.11 5.69 12.05
N MET A 18 35.09 5.28 11.30
CA MET A 18 34.53 3.94 11.45
C MET A 18 35.51 2.88 10.95
N SER A 19 36.39 3.28 10.03
CA SER A 19 37.38 2.37 9.47
C SER A 19 38.61 2.30 10.36
N ARG A 20 38.58 3.03 11.47
CA ARG A 20 39.71 3.07 12.40
C ARG A 20 39.25 2.96 13.85
N LEU A 21 38.71 1.80 14.22
CA LEU A 21 38.24 1.57 15.59
C LEU A 21 38.90 0.34 16.21
N ALA A 26 44.04 -3.65 16.51
CA ALA A 26 45.41 -4.15 16.52
C ALA A 26 45.45 -5.66 16.50
N THR A 27 44.32 -6.29 16.19
CA THR A 27 44.23 -7.75 16.12
C THR A 27 43.16 -8.17 15.12
N SER A 28 43.35 -9.31 14.48
CA SER A 28 42.42 -9.82 13.48
C SER A 28 41.25 -10.59 14.13
N ILE A 29 41.44 -10.96 15.39
CA ILE A 29 40.43 -11.74 16.11
C ILE A 29 39.16 -10.93 16.35
N ARG A 30 38.02 -11.53 16.04
CA ARG A 30 36.73 -10.87 16.16
C ARG A 30 35.89 -11.45 17.29
N TYR A 31 35.15 -10.59 17.98
CA TYR A 31 34.23 -11.03 19.03
C TYR A 31 32.84 -11.22 18.47
N ILE A 32 32.23 -12.37 18.75
CA ILE A 32 30.92 -12.70 18.21
C ILE A 32 29.81 -12.61 19.25
N ASP A 33 28.87 -11.70 19.01
CA ASP A 33 27.70 -11.58 19.88
C ASP A 33 26.67 -12.62 19.52
N HIS A 34 26.75 -13.78 20.17
CA HIS A 34 25.88 -14.91 19.87
C HIS A 34 24.40 -14.61 20.13
N ALA A 35 24.14 -13.69 21.06
CA ALA A 35 22.78 -13.30 21.39
C ALA A 35 22.09 -12.67 20.19
N ALA A 36 22.80 -11.80 19.49
CA ALA A 36 22.26 -11.13 18.30
C ALA A 36 22.12 -12.12 17.15
N VAL A 37 22.98 -13.12 17.12
CA VAL A 37 22.95 -14.13 16.07
C VAL A 37 21.69 -14.97 16.18
N LEU A 38 21.35 -15.37 17.41
CA LEU A 38 20.15 -16.16 17.66
C LEU A 38 18.89 -15.30 17.49
N LEU A 39 18.97 -14.06 17.92
CA LEU A 39 17.83 -13.14 17.84
C LEU A 39 17.44 -12.86 16.39
N HIS A 40 18.43 -12.70 15.52
CA HIS A 40 18.18 -12.47 14.11
C HIS A 40 17.96 -13.78 13.37
N GLY A 41 18.41 -14.87 13.98
CA GLY A 41 18.25 -16.19 13.40
C GLY A 41 16.81 -16.67 13.47
N LEU A 42 16.20 -16.54 14.65
CA LEU A 42 14.81 -16.92 14.83
C LEU A 42 13.90 -15.99 14.03
N ALA A 43 14.31 -14.72 13.92
CA ALA A 43 13.53 -13.73 13.20
C ALA A 43 13.47 -14.03 11.71
N SER A 44 14.47 -14.76 11.21
CA SER A 44 14.53 -15.12 9.80
C SER A 44 13.51 -16.21 9.48
N LEU A 45 13.46 -17.23 10.33
CA LEU A 45 12.52 -18.33 10.14
C LEU A 45 11.07 -17.88 10.36
N LEU A 46 10.84 -17.19 11.47
CA LEU A 46 9.51 -16.68 11.78
C LEU A 46 9.00 -15.75 10.68
N GLY A 47 9.86 -14.85 10.21
CA GLY A 47 9.50 -13.91 9.18
C GLY A 47 9.13 -14.55 7.85
N LEU A 48 9.75 -15.67 7.54
CA LEU A 48 9.49 -16.37 6.28
C LEU A 48 8.23 -17.23 6.37
N VAL A 49 8.05 -17.92 7.50
CA VAL A 49 6.92 -18.81 7.67
C VAL A 49 5.62 -18.03 7.87
N GLU A 50 5.67 -16.98 8.69
CA GLU A 50 4.49 -16.17 8.97
C GLU A 50 3.93 -15.52 7.71
N ASN A 51 4.75 -14.75 7.02
CA ASN A 51 4.31 -14.10 5.78
C ASN A 51 4.02 -15.12 4.69
N GLY A 52 4.65 -16.29 4.80
CA GLY A 52 4.44 -17.37 3.86
C GLY A 52 3.01 -17.89 3.89
N VAL A 53 2.53 -18.21 5.09
CA VAL A 53 1.18 -18.75 5.24
C VAL A 53 0.13 -17.65 5.07
N ILE A 54 0.51 -16.40 5.34
CA ILE A 54 -0.39 -15.27 5.14
C ILE A 54 -0.76 -15.12 3.68
N LEU A 55 0.25 -15.14 2.81
CA LEU A 55 0.04 -15.02 1.37
C LEU A 55 -0.88 -16.11 0.82
N PHE A 56 -0.78 -17.30 1.40
CA PHE A 56 -1.60 -18.42 0.95
C PHE A 56 -3.05 -18.29 1.42
N VAL A 57 -3.21 -17.91 2.69
CA VAL A 57 -4.54 -17.76 3.29
C VAL A 57 -5.33 -16.65 2.61
N VAL A 58 -4.72 -15.48 2.47
CA VAL A 58 -5.37 -14.31 1.90
C VAL A 58 -5.58 -14.46 0.39
N GLY A 59 -4.60 -15.03 -0.29
CA GLY A 59 -4.59 -15.07 -1.74
C GLY A 59 -5.26 -16.27 -2.40
N CYS A 60 -5.25 -17.41 -1.72
CA CYS A 60 -5.78 -18.63 -2.32
C CYS A 60 -7.11 -19.10 -1.73
N ARG A 61 -7.26 -18.98 -0.41
CA ARG A 61 -8.47 -19.48 0.24
C ARG A 61 -9.31 -18.36 0.86
N MET A 62 -9.25 -17.17 0.26
CA MET A 62 -10.04 -16.03 0.73
C MET A 62 -10.60 -15.24 -0.44
N ARG A 63 -11.85 -14.79 -0.32
CA ARG A 63 -12.52 -14.05 -1.37
C ARG A 63 -11.81 -12.72 -1.67
N GLN A 64 -11.47 -12.52 -2.93
CA GLN A 64 -10.67 -11.37 -3.35
C GLN A 64 -11.49 -10.09 -3.47
N THR A 65 -11.11 -9.08 -2.69
CA THR A 65 -11.71 -7.75 -2.79
C THR A 65 -10.61 -6.74 -3.07
N VAL A 66 -10.91 -5.46 -2.89
CA VAL A 66 -9.92 -4.41 -3.11
C VAL A 66 -8.98 -4.30 -1.92
N VAL A 67 -9.54 -4.32 -0.71
CA VAL A 67 -8.74 -4.15 0.50
C VAL A 67 -7.78 -5.32 0.71
N THR A 68 -8.19 -6.53 0.36
CA THR A 68 -7.33 -7.70 0.51
C THR A 68 -6.18 -7.66 -0.49
N THR A 69 -6.32 -6.84 -1.52
CA THR A 69 -5.25 -6.68 -2.51
C THR A 69 -4.10 -5.85 -1.91
N TRP A 70 -4.46 -4.80 -1.16
CA TRP A 70 -3.45 -3.98 -0.49
C TRP A 70 -2.63 -4.81 0.48
N VAL A 71 -3.31 -5.59 1.31
CA VAL A 71 -2.66 -6.46 2.30
C VAL A 71 -1.78 -7.51 1.63
N LEU A 72 -2.21 -7.98 0.46
CA LEU A 72 -1.49 -9.02 -0.25
C LEU A 72 -0.13 -8.54 -0.72
N HIS A 73 -0.08 -7.34 -1.30
CA HIS A 73 1.17 -6.73 -1.70
C HIS A 73 1.98 -6.30 -0.48
N LEU A 74 1.26 -5.90 0.57
CA LEU A 74 1.90 -5.45 1.80
C LEU A 74 2.61 -6.61 2.51
N ALA A 75 2.15 -7.82 2.24
CA ALA A 75 2.77 -9.01 2.82
C ALA A 75 3.86 -9.55 1.90
N LEU A 76 3.90 -9.05 0.67
CA LEU A 76 4.90 -9.48 -0.30
C LEU A 76 6.23 -8.77 -0.07
N SER A 77 6.16 -7.50 0.29
CA SER A 77 7.36 -6.71 0.57
C SER A 77 8.04 -7.21 1.84
N ASP A 78 7.23 -7.66 2.79
CA ASP A 78 7.76 -8.17 4.05
C ASP A 78 8.38 -9.56 3.87
N LEU A 79 7.93 -10.28 2.86
CA LEU A 79 8.49 -11.59 2.54
C LEU A 79 9.90 -11.41 1.99
N LEU A 80 10.09 -10.41 1.14
CA LEU A 80 11.40 -10.09 0.60
C LEU A 80 12.32 -9.56 1.70
N ALA A 81 11.74 -8.80 2.62
CA ALA A 81 12.48 -8.20 3.72
C ALA A 81 13.06 -9.25 4.66
N SER A 82 12.31 -10.33 4.86
CA SER A 82 12.76 -11.40 5.73
C SER A 82 13.55 -12.46 4.96
N ALA A 83 13.71 -12.23 3.65
CA ALA A 83 14.52 -13.10 2.82
C ALA A 83 15.97 -12.66 2.82
N SER A 84 16.19 -11.36 3.03
CA SER A 84 17.53 -10.81 3.09
C SER A 84 18.09 -10.94 4.50
N LEU A 85 17.19 -11.13 5.46
CA LEU A 85 17.57 -11.24 6.87
C LEU A 85 18.54 -12.38 7.20
N PRO A 86 18.35 -13.58 6.62
CA PRO A 86 19.32 -14.64 6.94
C PRO A 86 20.75 -14.35 6.45
N PHE A 87 20.90 -13.45 5.50
CA PHE A 87 22.23 -13.05 5.05
C PHE A 87 22.86 -12.08 6.04
N PHE A 88 22.02 -11.32 6.74
CA PHE A 88 22.50 -10.39 7.76
C PHE A 88 22.91 -11.16 9.01
N THR A 89 22.30 -12.32 9.21
CA THR A 89 22.64 -13.18 10.33
C THR A 89 24.04 -13.76 10.14
N TYR A 90 24.37 -14.11 8.90
CA TYR A 90 25.70 -14.59 8.55
C TYR A 90 26.73 -13.49 8.79
N PHE A 91 26.35 -12.25 8.50
CA PHE A 91 27.21 -11.09 8.70
C PHE A 91 27.66 -10.97 10.15
N LEU A 92 26.73 -11.18 11.08
CA LEU A 92 27.03 -11.09 12.50
C LEU A 92 27.78 -12.32 12.99
N ALA A 93 27.54 -13.46 12.33
CA ALA A 93 28.13 -14.73 12.73
C ALA A 93 29.65 -14.71 12.58
N VAL A 94 30.14 -13.92 11.63
CA VAL A 94 31.58 -13.81 11.39
C VAL A 94 32.10 -12.51 11.97
N GLY A 95 31.50 -12.07 13.07
CA GLY A 95 31.95 -10.90 13.79
C GLY A 95 31.86 -9.59 13.03
N HIS A 96 30.68 -9.32 12.48
CA HIS A 96 30.42 -8.07 11.73
C HIS A 96 31.38 -7.88 10.57
N SER A 97 31.18 -8.65 9.51
CA SER A 97 32.04 -8.56 8.32
C SER A 97 31.30 -9.08 7.09
N TRP A 98 31.29 -8.28 6.02
CA TRP A 98 30.67 -8.69 4.77
C TRP A 98 31.68 -9.43 3.89
N GLU A 99 31.44 -10.73 3.70
CA GLU A 99 32.40 -11.57 2.98
C GLU A 99 31.80 -12.19 1.72
N LEU A 100 30.80 -11.53 1.15
CA LEU A 100 30.09 -12.09 0.01
C LEU A 100 30.16 -11.20 -1.24
N GLY A 101 31.35 -10.69 -1.53
CA GLY A 101 31.56 -9.90 -2.73
C GLY A 101 30.98 -8.50 -2.66
N THR A 102 31.05 -7.80 -3.80
CA THR A 102 30.63 -6.40 -3.86
C THR A 102 29.23 -6.24 -4.41
N THR A 103 28.91 -7.01 -5.44
CA THR A 103 27.61 -6.92 -6.11
C THR A 103 26.48 -7.37 -5.18
N PHE A 104 26.74 -8.40 -4.39
CA PHE A 104 25.74 -8.91 -3.46
C PHE A 104 25.51 -7.94 -2.32
N CYS A 105 26.48 -7.07 -2.07
CA CYS A 105 26.34 -6.04 -1.05
C CYS A 105 25.31 -4.99 -1.46
N LYS A 106 25.30 -4.67 -2.75
CA LYS A 106 24.37 -3.69 -3.29
C LYS A 106 22.94 -4.22 -3.29
N LEU A 107 22.78 -5.47 -3.73
CA LEU A 107 21.47 -6.10 -3.83
C LEU A 107 20.82 -6.30 -2.46
N HIS A 108 21.61 -6.82 -1.51
CA HIS A 108 21.12 -7.07 -0.16
C HIS A 108 20.64 -5.80 0.51
N SER A 109 21.36 -4.70 0.28
CA SER A 109 21.01 -3.43 0.88
C SER A 109 19.76 -2.83 0.23
N SER A 110 19.62 -3.07 -1.08
CA SER A 110 18.51 -2.53 -1.84
C SER A 110 17.16 -3.07 -1.37
N ILE A 111 17.15 -4.33 -0.94
CA ILE A 111 15.93 -4.96 -0.44
C ILE A 111 15.35 -4.22 0.75
N PHE A 112 16.22 -3.82 1.68
CA PHE A 112 15.81 -3.07 2.86
C PHE A 112 15.11 -1.76 2.48
N PHE A 113 15.68 -1.07 1.50
CA PHE A 113 15.12 0.21 1.05
C PHE A 113 13.91 0.00 0.14
N LEU A 114 13.88 -1.11 -0.57
CA LEU A 114 12.75 -1.43 -1.43
C LEU A 114 11.51 -1.67 -0.59
N ASN A 115 11.67 -2.42 0.50
CA ASN A 115 10.59 -2.66 1.43
C ASN A 115 10.15 -1.37 2.12
N MET A 116 11.09 -0.45 2.32
CA MET A 116 10.81 0.80 3.01
C MET A 116 9.88 1.69 2.19
N PHE A 117 10.27 1.98 0.95
CA PHE A 117 9.48 2.82 0.07
C PHE A 117 8.13 2.19 -0.24
N ALA A 118 8.13 0.88 -0.45
CA ALA A 118 6.91 0.15 -0.79
C ALA A 118 5.88 0.22 0.33
N SER A 119 6.33 -0.01 1.56
CA SER A 119 5.44 0.02 2.71
C SER A 119 4.86 1.42 2.93
N GLY A 120 5.66 2.45 2.68
CA GLY A 120 5.22 3.82 2.86
C GLY A 120 4.22 4.27 1.82
N PHE A 121 4.33 3.71 0.62
CA PHE A 121 3.44 4.06 -0.48
C PHE A 121 2.11 3.31 -0.37
N LEU A 122 2.17 2.08 0.11
CA LEU A 122 0.98 1.25 0.24
C LEU A 122 0.07 1.74 1.35
N LEU A 123 0.67 2.19 2.46
CA LEU A 123 -0.11 2.73 3.56
C LEU A 123 -0.80 4.02 3.16
N SER A 124 -0.20 4.73 2.21
CA SER A 124 -0.78 5.95 1.66
C SER A 124 -1.96 5.59 0.75
N ALA A 125 -1.76 4.56 -0.07
CA ALA A 125 -2.80 4.11 -1.00
C ALA A 125 -4.02 3.59 -0.25
N ILE A 126 -3.79 2.91 0.86
CA ILE A 126 -4.86 2.38 1.69
C ILE A 126 -5.73 3.48 2.27
N SER A 127 -5.08 4.52 2.81
CA SER A 127 -5.81 5.63 3.42
C SER A 127 -6.58 6.43 2.38
N LEU A 128 -6.03 6.55 1.18
CA LEU A 128 -6.67 7.30 0.11
C LEU A 128 -7.83 6.50 -0.50
N ASP A 129 -7.71 5.18 -0.50
CA ASP A 129 -8.77 4.32 -1.01
C ASP A 129 -10.00 4.40 -0.12
N ARG A 130 -9.78 4.46 1.18
CA ARG A 130 -10.85 4.62 2.15
C ARG A 130 -11.48 6.00 2.04
N CYS A 131 -10.64 7.01 1.81
CA CYS A 131 -11.10 8.39 1.71
C CYS A 131 -12.03 8.59 0.53
N LEU A 132 -11.68 8.02 -0.62
CA LEU A 132 -12.51 8.12 -1.82
C LEU A 132 -13.83 7.38 -1.64
N GLN A 133 -13.79 6.30 -0.84
CA GLN A 133 -14.96 5.47 -0.59
C GLN A 133 -16.03 6.22 0.21
N VAL A 134 -15.58 7.14 1.07
CA VAL A 134 -16.48 7.90 1.93
C VAL A 134 -16.79 9.29 1.38
N VAL A 135 -15.75 9.99 0.92
CA VAL A 135 -15.91 11.37 0.46
C VAL A 135 -16.64 11.44 -0.87
N ARG A 136 -16.36 10.50 -1.77
CA ARG A 136 -17.00 10.50 -3.09
C ARG A 136 -17.67 9.16 -3.39
N PRO A 137 -18.84 8.93 -2.78
CA PRO A 137 -19.58 7.66 -2.85
C PRO A 137 -20.00 7.28 -4.27
N VAL A 138 -20.51 8.25 -5.02
CA VAL A 138 -21.03 7.98 -6.35
C VAL A 138 -19.93 7.48 -7.29
N TRP A 139 -18.76 8.12 -7.24
CA TRP A 139 -17.63 7.69 -8.07
C TRP A 139 -17.14 6.31 -7.66
N ALA A 140 -16.94 6.13 -6.36
CA ALA A 140 -16.36 4.90 -5.81
C ALA A 140 -17.13 3.64 -6.23
N GLN A 141 -18.45 3.69 -6.12
CA GLN A 141 -19.28 2.51 -6.40
C GLN A 141 -19.18 2.07 -7.87
N ASN A 142 -18.75 2.98 -8.73
CA ASN A 142 -18.72 2.72 -10.16
C ASN A 142 -17.33 2.50 -10.75
N HIS A 143 -16.29 2.68 -9.94
CA HIS A 143 -14.93 2.57 -10.46
C HIS A 143 -13.94 1.83 -9.55
N ARG A 144 -14.26 1.73 -8.26
CA ARG A 144 -13.40 1.01 -7.33
C ARG A 144 -13.45 -0.50 -7.57
N THR A 145 -12.76 -0.98 -8.60
CA THR A 145 -12.70 -2.41 -8.89
C THR A 145 -11.39 -3.02 -8.40
N VAL A 146 -11.37 -4.35 -8.32
CA VAL A 146 -10.18 -5.08 -7.88
C VAL A 146 -9.04 -4.94 -8.89
N ALA A 147 -9.40 -4.93 -10.17
CA ALA A 147 -8.40 -4.81 -11.24
C ALA A 147 -7.67 -3.47 -11.18
N ALA A 148 -8.38 -2.43 -10.75
CA ALA A 148 -7.78 -1.12 -10.60
C ALA A 148 -6.80 -1.10 -9.42
N ALA A 149 -7.17 -1.83 -8.36
CA ALA A 149 -6.32 -1.95 -7.18
C ALA A 149 -5.02 -2.67 -7.53
N HIS A 150 -5.11 -3.64 -8.43
CA HIS A 150 -3.94 -4.37 -8.88
C HIS A 150 -3.06 -3.49 -9.76
N LYS A 151 -3.69 -2.64 -10.57
CA LYS A 151 -2.97 -1.78 -11.49
C LYS A 151 -2.21 -0.69 -10.75
N VAL A 152 -2.80 -0.18 -9.68
CA VAL A 152 -2.16 0.85 -8.86
C VAL A 152 -0.87 0.34 -8.23
N CYS A 153 -0.93 -0.86 -7.67
CA CYS A 153 0.22 -1.48 -7.00
C CYS A 153 1.41 -1.62 -7.94
N LEU A 154 1.15 -1.99 -9.19
CA LEU A 154 2.21 -2.15 -10.18
C LEU A 154 2.95 -0.84 -10.43
N VAL A 155 2.22 0.27 -10.33
CA VAL A 155 2.81 1.59 -10.47
C VAL A 155 3.63 1.92 -9.22
N LEU A 156 3.10 1.58 -8.06
CA LEU A 156 3.76 1.87 -6.80
C LEU A 156 5.11 1.16 -6.67
N TRP A 157 5.16 -0.09 -7.12
CA TRP A 157 6.41 -0.86 -7.10
C TRP A 157 7.46 -0.25 -8.02
N ALA A 158 7.03 0.23 -9.18
CA ALA A 158 7.93 0.87 -10.14
C ALA A 158 8.55 2.12 -9.55
N LEU A 159 7.75 2.87 -8.80
CA LEU A 159 8.24 4.06 -8.10
C LEU A 159 9.08 3.66 -6.90
N ALA A 160 8.79 2.50 -6.33
CA ALA A 160 9.57 1.97 -5.22
C ALA A 160 10.97 1.61 -5.71
N VAL A 161 11.03 0.94 -6.86
CA VAL A 161 12.31 0.57 -7.46
C VAL A 161 13.10 1.80 -7.88
N LEU A 162 12.40 2.78 -8.43
CA LEU A 162 13.03 4.01 -8.92
C LEU A 162 13.72 4.78 -7.79
N ASN A 163 13.13 4.79 -6.61
CA ASN A 163 13.68 5.53 -5.48
C ASN A 163 14.78 4.77 -4.76
N THR A 164 14.96 3.50 -5.08
CA THR A 164 16.02 2.71 -4.46
C THR A 164 17.23 2.58 -5.38
N VAL A 165 17.13 3.19 -6.56
CA VAL A 165 18.24 3.21 -7.51
C VAL A 165 19.51 3.87 -6.94
N PRO A 166 19.40 5.06 -6.32
CA PRO A 166 20.62 5.69 -5.82
C PRO A 166 21.31 4.90 -4.69
N TYR A 167 20.51 4.25 -3.84
CA TYR A 167 21.05 3.48 -2.72
C TYR A 167 21.80 2.26 -3.22
N PHE A 168 21.40 1.75 -4.38
CA PHE A 168 22.09 0.65 -5.03
C PHE A 168 23.45 1.12 -5.56
N VAL A 169 23.48 2.36 -6.05
CA VAL A 169 24.67 2.91 -6.69
C VAL A 169 25.74 3.30 -5.66
N PHE A 170 25.31 3.93 -4.57
CA PHE A 170 26.24 4.46 -3.58
C PHE A 170 26.58 3.46 -2.47
N ARG A 171 26.32 2.18 -2.70
CA ARG A 171 26.76 1.14 -1.77
C ARG A 171 28.10 0.58 -2.23
N ASP A 172 28.97 0.29 -1.28
CA ASP A 172 30.31 -0.21 -1.59
C ASP A 172 30.90 -0.96 -0.41
N THR A 173 31.78 -1.91 -0.69
CA THR A 173 32.51 -2.62 0.36
C THR A 173 33.76 -1.84 0.74
N ILE A 174 33.96 -1.66 2.04
CA ILE A 174 35.10 -0.88 2.53
C ILE A 174 35.96 -1.68 3.50
N SER A 175 37.23 -1.85 3.17
CA SER A 175 38.15 -2.59 4.02
C SER A 175 38.56 -1.79 5.26
N ARG A 176 38.53 -2.44 6.42
CA ARG A 176 38.95 -1.80 7.66
C ARG A 176 40.41 -2.12 7.96
N LEU A 177 40.89 -1.65 9.10
CA LEU A 177 42.27 -1.89 9.51
C LEU A 177 42.40 -3.10 10.43
N ASP A 178 41.27 -3.74 10.72
CA ASP A 178 41.28 -4.93 11.58
C ASP A 178 40.98 -6.19 10.77
N GLY A 179 40.78 -6.04 9.47
CA GLY A 179 40.53 -7.18 8.60
C GLY A 179 39.09 -7.29 8.13
N ARG A 180 38.18 -6.66 8.87
CA ARG A 180 36.76 -6.72 8.53
C ARG A 180 36.45 -5.97 7.24
N ILE A 181 35.28 -6.26 6.68
CA ILE A 181 34.81 -5.59 5.47
C ILE A 181 33.42 -5.02 5.68
N MET A 182 33.32 -3.69 5.64
CA MET A 182 32.04 -3.02 5.86
C MET A 182 31.22 -2.92 4.58
N CYS A 183 29.90 -3.00 4.73
CA CYS A 183 28.97 -2.79 3.62
C CYS A 183 28.07 -1.62 3.92
N TYR A 184 28.46 -0.43 3.47
CA TYR A 184 27.75 0.79 3.83
C TYR A 184 27.81 1.85 2.73
N TYR A 185 27.39 3.07 3.05
CA TYR A 185 27.37 4.16 2.10
C TYR A 185 28.78 4.56 1.64
N ASN A 186 28.91 4.91 0.36
CA ASN A 186 30.11 5.55 -0.17
C ASN A 186 29.71 6.64 -1.16
N VAL A 187 29.46 7.83 -0.62
CA VAL A 187 28.94 8.95 -1.40
C VAL A 187 29.96 9.52 -2.38
N LEU A 188 31.21 9.08 -2.28
CA LEU A 188 32.26 9.58 -3.15
C LEU A 188 32.61 8.60 -4.26
N LEU A 189 31.90 7.47 -4.27
CA LEU A 189 32.19 6.39 -5.21
C LEU A 189 32.09 6.82 -6.66
N LEU A 190 31.06 7.61 -6.97
CA LEU A 190 30.83 8.05 -8.34
C LEU A 190 30.61 9.56 -8.45
N ASN A 191 31.28 10.16 -9.43
CA ASN A 191 31.15 11.60 -9.72
C ASN A 191 31.35 12.52 -8.51
N PRO A 192 32.56 12.53 -7.93
CA PRO A 192 32.82 13.47 -6.83
C PRO A 192 33.18 14.86 -7.36
N GLY A 193 32.62 15.89 -6.75
CA GLY A 193 32.89 17.25 -7.17
C GLY A 193 34.28 17.70 -6.78
N PRO A 194 34.65 18.93 -7.18
CA PRO A 194 35.94 19.54 -6.82
C PRO A 194 36.13 19.63 -5.31
N ASP A 195 35.03 19.72 -4.58
CA ASP A 195 35.06 19.75 -3.11
C ASP A 195 34.49 18.45 -2.56
N ARG A 196 35.37 17.60 -2.04
CA ARG A 196 34.96 16.33 -1.45
C ARG A 196 34.13 16.56 -0.20
N ASP A 197 34.59 17.48 0.65
CA ASP A 197 33.93 17.77 1.92
C ASP A 197 32.52 18.30 1.72
N ALA A 198 32.33 19.10 0.67
CA ALA A 198 31.02 19.69 0.38
C ALA A 198 30.06 18.64 -0.16
N THR A 199 30.52 17.86 -1.14
CA THR A 199 29.67 16.84 -1.76
C THR A 199 29.45 15.66 -0.83
N CYS A 200 30.32 15.50 0.16
CA CYS A 200 30.14 14.47 1.19
C CYS A 200 28.94 14.79 2.05
N ASN A 201 28.77 16.06 2.36
CA ASN A 201 27.71 16.51 3.26
C ASN A 201 26.40 16.74 2.52
N SER A 202 26.48 17.35 1.34
CA SER A 202 25.29 17.72 0.57
C SER A 202 24.48 16.51 0.14
N ARG A 203 25.15 15.51 -0.41
CA ARG A 203 24.45 14.34 -0.94
C ARG A 203 24.10 13.33 0.15
N GLN A 204 24.74 13.45 1.31
CA GLN A 204 24.41 12.59 2.44
C GLN A 204 23.10 13.06 3.09
N ALA A 205 22.98 14.37 3.26
CA ALA A 205 21.77 14.96 3.79
C ALA A 205 20.64 14.86 2.77
N ALA A 206 21.01 14.85 1.48
CA ALA A 206 20.04 14.74 0.41
C ALA A 206 19.34 13.38 0.44
N LEU A 207 20.04 12.36 0.93
CA LEU A 207 19.48 11.02 1.03
C LEU A 207 18.65 10.86 2.31
N ALA A 208 19.19 11.33 3.42
CA ALA A 208 18.52 11.21 4.71
C ALA A 208 17.22 12.00 4.75
N VAL A 209 17.24 13.21 4.20
CA VAL A 209 16.07 14.07 4.22
C VAL A 209 14.96 13.55 3.29
N SER A 210 15.33 13.24 2.05
CA SER A 210 14.36 12.78 1.06
C SER A 210 13.70 11.46 1.48
N LYS A 211 14.49 10.55 2.06
CA LYS A 211 13.95 9.28 2.52
C LYS A 211 13.01 9.49 3.72
N PHE A 212 13.25 10.55 4.48
CA PHE A 212 12.45 10.86 5.64
C PHE A 212 11.07 11.40 5.24
N LEU A 213 11.05 12.16 4.15
CA LEU A 213 9.81 12.76 3.67
C LEU A 213 8.98 11.77 2.88
N LEU A 214 9.53 11.28 1.76
CA LEU A 214 8.80 10.45 0.83
C LEU A 214 8.30 9.13 1.42
N ALA A 215 8.98 8.62 2.44
CA ALA A 215 8.70 7.27 2.94
C ALA A 215 8.25 7.25 4.40
N PHE A 216 8.00 8.41 5.00
CA PHE A 216 7.58 8.44 6.39
C PHE A 216 6.69 9.64 6.72
N LEU A 217 7.24 10.84 6.61
CA LEU A 217 6.51 12.04 7.01
C LEU A 217 5.31 12.31 6.11
N VAL A 218 5.49 12.16 4.80
CA VAL A 218 4.40 12.33 3.85
C VAL A 218 3.32 11.24 3.98
N PRO A 219 3.74 9.95 4.13
CA PRO A 219 2.69 8.96 4.44
C PRO A 219 1.90 9.29 5.70
N LEU A 220 2.58 9.63 6.80
CA LEU A 220 1.90 9.97 8.04
C LEU A 220 0.98 11.17 7.87
N ALA A 221 1.40 12.12 7.04
CA ALA A 221 0.60 13.31 6.79
C ALA A 221 -0.68 12.97 6.02
N ILE A 222 -0.55 12.13 5.02
CA ILE A 222 -1.71 11.69 4.24
C ILE A 222 -2.67 10.87 5.09
N ILE A 223 -2.13 9.92 5.85
CA ILE A 223 -2.92 9.08 6.74
C ILE A 223 -3.75 9.90 7.73
N ALA A 224 -3.11 10.87 8.37
CA ALA A 224 -3.79 11.70 9.35
C ALA A 224 -4.80 12.64 8.70
N SER A 225 -4.46 13.12 7.51
CA SER A 225 -5.30 14.07 6.79
C SER A 225 -6.54 13.38 6.22
N SER A 226 -6.37 12.14 5.76
CA SER A 226 -7.48 11.37 5.22
C SER A 226 -8.38 10.84 6.33
N HIS A 227 -7.82 10.73 7.53
CA HIS A 227 -8.57 10.24 8.68
C HIS A 227 -9.53 11.28 9.21
N ALA A 228 -9.16 12.55 9.07
CA ALA A 228 -9.97 13.66 9.56
C ALA A 228 -11.13 13.96 8.61
N ALA A 229 -10.91 13.76 7.32
CA ALA A 229 -11.94 14.00 6.32
C ALA A 229 -13.07 12.99 6.47
N VAL A 230 -12.72 11.73 6.74
CA VAL A 230 -13.68 10.66 6.89
C VAL A 230 -14.60 10.87 8.10
N SER A 231 -14.00 11.11 9.26
CA SER A 231 -14.74 11.24 10.51
C SER A 231 -15.77 12.37 10.47
N LEU A 232 -15.44 13.46 9.79
CA LEU A 232 -16.32 14.60 9.66
C LEU A 232 -17.43 14.33 8.65
N ARG A 233 -17.09 13.61 7.59
CA ARG A 233 -18.04 13.28 6.54
C ARG A 233 -19.08 12.30 7.06
N LEU A 234 -18.66 11.39 7.94
CA LEU A 234 -19.56 10.41 8.53
C LEU A 234 -20.50 11.05 9.55
N GLN A 235 -20.03 12.09 10.22
CA GLN A 235 -20.84 12.79 11.20
C GLN A 235 -21.96 13.55 10.48
N HIS A 236 -21.63 14.13 9.34
CA HIS A 236 -22.60 14.85 8.53
C HIS A 236 -23.61 13.89 7.93
N ARG A 237 -23.14 12.72 7.51
CA ARG A 237 -24.00 11.71 6.91
C ARG A 237 -24.96 11.13 7.95
N ALA A 238 -24.49 11.02 9.18
CA ALA A 238 -25.32 10.51 10.27
C ALA A 238 -26.46 11.47 10.56
N ASP A 239 -26.21 12.77 10.38
CA ASP A 239 -27.22 13.79 10.62
C ASP A 239 -28.26 13.82 9.50
N LEU A 240 -27.84 13.43 8.30
CA LEU A 240 -28.74 13.40 7.15
C LEU A 240 -29.65 12.18 7.18
N GLY A 241 -29.12 11.06 7.67
CA GLY A 241 -29.87 9.82 7.73
C GLY A 241 -31.01 9.85 8.72
N LEU A 242 -30.82 10.61 9.80
CA LEU A 242 -31.83 10.71 10.85
C LEU A 242 -32.92 11.70 10.49
N GLN A 243 -32.83 12.27 9.29
CA GLN A 243 -33.88 13.17 8.80
C GLN A 243 -34.94 12.38 8.05
N HIS A 244 -36.20 12.66 8.38
CA HIS A 244 -37.34 11.98 7.78
C HIS A 244 -37.40 12.17 6.26
N ARG A 245 -37.06 13.38 5.82
CA ARG A 245 -37.13 13.72 4.40
C ARG A 245 -36.16 12.89 3.55
N ASN A 246 -34.94 12.73 4.05
CA ASN A 246 -33.92 11.98 3.35
C ASN A 246 -34.00 10.48 3.66
N ILE A 247 -35.14 9.88 3.34
CA ILE A 247 -35.34 8.45 3.62
C ILE A 247 -35.04 7.59 2.40
N PHE A 248 -35.59 7.95 1.24
CA PHE A 248 -35.40 7.18 0.02
C PHE A 248 -34.58 7.94 -0.99
N GLU A 249 -33.73 8.83 -0.51
CA GLU A 249 -32.87 9.61 -1.40
C GLU A 249 -31.74 8.75 -1.90
N MET A 250 -31.34 8.98 -3.16
CA MET A 250 -30.30 8.16 -3.77
C MET A 250 -29.35 8.97 -4.66
N LEU A 251 -28.08 8.54 -4.68
CA LEU A 251 -27.02 9.18 -5.47
C LEU A 251 -26.86 10.67 -5.11
N ARG A 252 -26.46 10.94 -3.87
CA ARG A 252 -26.24 12.29 -3.38
C ARG A 252 -24.83 12.78 -3.70
N ILE A 253 -24.69 14.10 -3.85
CA ILE A 253 -23.40 14.70 -4.14
C ILE A 253 -23.09 15.83 -3.16
N ASP A 254 -24.13 16.58 -2.76
CA ASP A 254 -23.94 17.77 -1.94
C ASP A 254 -23.73 17.47 -0.45
N GLU A 255 -22.96 16.43 -0.16
CA GLU A 255 -22.60 16.14 1.22
C GLU A 255 -21.37 16.92 1.64
N GLY A 256 -20.49 17.19 0.68
CA GLY A 256 -19.27 17.94 0.95
C GLY A 256 -19.52 19.44 1.01
N GLY A 257 -20.74 19.84 0.68
CA GLY A 257 -21.12 21.24 0.70
C GLY A 257 -20.66 21.97 -0.54
N GLY A 258 -20.87 23.28 -0.57
CA GLY A 258 -20.48 24.09 -1.71
C GLY A 258 -21.55 24.09 -2.80
N SER A 259 -21.36 24.96 -3.80
CA SER A 259 -22.30 25.06 -4.91
C SER A 259 -22.15 23.88 -5.85
N GLY A 260 -23.11 23.72 -6.75
CA GLY A 260 -23.09 22.62 -7.71
C GLY A 260 -22.98 23.08 -9.15
N GLY A 261 -22.04 24.00 -9.40
CA GLY A 261 -21.84 24.53 -10.74
C GLY A 261 -20.57 23.98 -11.39
N ASP A 262 -19.63 23.55 -10.57
CA ASP A 262 -18.37 23.01 -11.08
C ASP A 262 -18.34 21.48 -11.01
N GLU A 263 -19.44 20.87 -11.42
CA GLU A 263 -19.55 19.40 -11.37
C GLU A 263 -18.85 18.72 -12.53
N ALA A 264 -18.71 19.43 -13.65
CA ALA A 264 -18.08 18.85 -14.83
C ALA A 264 -16.56 18.98 -14.77
N GLU A 265 -16.05 19.69 -13.77
CA GLU A 265 -14.63 19.94 -13.64
C GLU A 265 -13.99 19.16 -12.49
N LYS A 266 -14.81 18.49 -11.68
CA LYS A 266 -14.32 17.76 -10.52
C LYS A 266 -13.60 16.48 -10.89
N LEU A 267 -12.44 16.25 -10.26
CA LEU A 267 -11.73 14.99 -10.39
C LEU A 267 -12.47 13.91 -9.61
N PHE A 268 -12.31 12.66 -10.03
CA PHE A 268 -13.14 11.55 -9.55
C PHE A 268 -14.59 11.94 -9.76
N ASN A 269 -14.94 12.20 -11.01
CA ASN A 269 -16.19 12.84 -11.39
C ASN A 269 -17.45 12.09 -10.94
N GLN A 270 -18.49 12.86 -10.62
CA GLN A 270 -19.78 12.30 -10.22
C GLN A 270 -20.92 13.05 -10.90
N ASP A 271 -20.66 13.63 -12.06
CA ASP A 271 -21.65 14.45 -12.76
C ASP A 271 -22.81 13.60 -13.27
N VAL A 272 -23.87 13.53 -12.48
CA VAL A 272 -25.03 12.72 -12.82
C VAL A 272 -25.88 13.38 -13.90
N ASP A 273 -26.03 14.70 -13.81
CA ASP A 273 -26.87 15.45 -14.74
C ASP A 273 -26.33 15.39 -16.18
N ALA A 274 -25.02 15.40 -16.32
CA ALA A 274 -24.38 15.39 -17.64
C ALA A 274 -24.67 14.10 -18.39
N ALA A 275 -24.72 12.99 -17.65
CA ALA A 275 -24.99 11.68 -18.26
C ALA A 275 -26.43 11.58 -18.72
N VAL A 276 -27.33 12.23 -17.99
CA VAL A 276 -28.76 12.20 -18.31
C VAL A 276 -29.05 12.87 -19.66
N ARG A 277 -28.37 13.98 -19.91
CA ARG A 277 -28.51 14.68 -21.18
C ARG A 277 -28.01 13.82 -22.34
N GLY A 278 -26.95 13.06 -22.06
CA GLY A 278 -26.37 12.18 -23.07
C GLY A 278 -27.26 11.00 -23.38
N ILE A 279 -27.94 10.49 -22.35
CA ILE A 279 -28.89 9.39 -22.52
C ILE A 279 -30.03 9.79 -23.45
N LEU A 280 -30.57 10.98 -23.24
CA LEU A 280 -31.66 11.49 -24.07
C LEU A 280 -31.19 11.82 -25.48
N ARG A 281 -29.89 12.04 -25.62
CA ARG A 281 -29.30 12.33 -26.92
C ARG A 281 -29.24 11.07 -27.80
N ASN A 282 -29.10 9.92 -27.15
CA ASN A 282 -29.04 8.65 -27.86
C ASN A 282 -30.44 8.14 -28.18
N ALA A 283 -30.63 7.68 -29.41
CA ALA A 283 -31.93 7.21 -29.85
C ALA A 283 -32.27 5.83 -29.31
N LYS A 284 -31.26 5.15 -28.76
CA LYS A 284 -31.44 3.79 -28.25
C LYS A 284 -31.81 3.77 -26.77
N LEU A 285 -31.28 4.72 -26.00
CA LEU A 285 -31.41 4.69 -24.55
C LEU A 285 -32.61 5.48 -24.04
N LYS A 286 -33.03 6.49 -24.79
CA LYS A 286 -34.11 7.38 -24.34
C LYS A 286 -35.46 6.68 -24.11
N PRO A 287 -35.95 5.88 -25.09
CA PRO A 287 -37.26 5.26 -24.82
C PRO A 287 -37.20 4.23 -23.70
N VAL A 288 -36.04 3.61 -23.51
CA VAL A 288 -35.85 2.67 -22.42
C VAL A 288 -35.86 3.41 -21.09
N TYR A 289 -35.24 4.59 -21.08
CA TYR A 289 -35.17 5.43 -19.88
C TYR A 289 -36.57 5.86 -19.42
N ASP A 290 -37.44 6.12 -20.39
CA ASP A 290 -38.80 6.57 -20.10
C ASP A 290 -39.67 5.43 -19.57
N SER A 291 -39.32 4.21 -19.93
CA SER A 291 -40.09 3.04 -19.54
C SER A 291 -39.90 2.70 -18.06
N LEU A 292 -38.68 2.90 -17.58
CA LEU A 292 -38.31 2.51 -16.23
C LEU A 292 -38.86 3.47 -15.17
N ASP A 293 -38.92 2.99 -13.93
CA ASP A 293 -39.28 3.82 -12.79
C ASP A 293 -38.03 4.51 -12.24
N ALA A 294 -38.22 5.36 -11.24
CA ALA A 294 -37.15 6.16 -10.67
C ALA A 294 -35.96 5.32 -10.17
N VAL A 295 -36.26 4.17 -9.59
CA VAL A 295 -35.22 3.31 -9.04
C VAL A 295 -34.38 2.66 -10.14
N ARG A 296 -35.04 2.18 -11.19
CA ARG A 296 -34.36 1.51 -12.28
C ARG A 296 -33.68 2.48 -13.22
N ARG A 297 -34.04 3.76 -13.12
CA ARG A 297 -33.37 4.81 -13.88
C ARG A 297 -32.00 5.11 -13.28
N ALA A 298 -31.92 5.01 -11.96
CA ALA A 298 -30.68 5.26 -11.24
C ALA A 298 -29.63 4.20 -11.56
N ALA A 299 -30.09 2.98 -11.79
CA ALA A 299 -29.19 1.88 -12.13
C ALA A 299 -28.70 2.00 -13.57
N LEU A 300 -29.55 2.57 -14.43
CA LEU A 300 -29.19 2.79 -15.83
C LEU A 300 -28.10 3.86 -15.94
N ILE A 301 -28.18 4.86 -15.08
CA ILE A 301 -27.19 5.94 -15.04
C ILE A 301 -25.83 5.39 -14.61
N ASN A 302 -25.83 4.50 -13.63
CA ASN A 302 -24.61 3.84 -13.19
C ASN A 302 -23.93 3.07 -14.32
N MET A 303 -24.73 2.42 -15.16
CA MET A 303 -24.19 1.69 -16.30
C MET A 303 -23.53 2.64 -17.30
N VAL A 304 -24.15 3.81 -17.49
CA VAL A 304 -23.57 4.83 -18.34
C VAL A 304 -22.25 5.33 -17.73
N PHE A 305 -22.20 5.38 -16.41
CA PHE A 305 -20.99 5.79 -15.71
C PHE A 305 -19.87 4.76 -15.84
N GLN A 306 -20.23 3.48 -15.88
CA GLN A 306 -19.25 2.40 -15.84
C GLN A 306 -18.66 2.07 -17.21
N MET A 307 -19.46 2.15 -18.27
CA MET A 307 -18.98 1.73 -19.59
C MET A 307 -19.27 2.74 -20.70
N GLY A 308 -20.03 3.79 -20.39
CA GLY A 308 -20.31 4.83 -21.37
C GLY A 308 -21.60 4.56 -22.14
N GLU A 309 -22.04 5.57 -22.90
CA GLU A 309 -23.28 5.46 -23.66
C GLU A 309 -23.20 4.42 -24.76
N THR A 310 -22.02 4.32 -25.38
CA THR A 310 -21.81 3.39 -26.48
C THR A 310 -21.93 1.94 -26.03
N GLY A 311 -21.39 1.64 -24.86
CA GLY A 311 -21.42 0.29 -24.32
C GLY A 311 -22.80 -0.13 -23.86
N VAL A 312 -23.51 0.78 -23.21
CA VAL A 312 -24.86 0.50 -22.72
C VAL A 312 -25.81 0.28 -23.89
N ALA A 313 -25.60 1.03 -24.98
CA ALA A 313 -26.40 0.90 -26.18
C ALA A 313 -26.02 -0.35 -26.97
N GLY A 314 -24.97 -1.03 -26.52
CA GLY A 314 -24.51 -2.26 -27.14
C GLY A 314 -25.32 -3.47 -26.71
N PHE A 315 -25.91 -3.39 -25.53
CA PHE A 315 -26.76 -4.46 -25.02
C PHE A 315 -28.18 -4.34 -25.58
N THR A 316 -28.37 -4.79 -26.81
CA THR A 316 -29.63 -4.61 -27.51
C THR A 316 -30.76 -5.43 -26.88
N ASN A 317 -30.57 -6.74 -26.76
CA ASN A 317 -31.60 -7.63 -26.22
C ASN A 317 -31.94 -7.32 -24.77
N SER A 318 -30.96 -6.83 -24.01
CA SER A 318 -31.18 -6.51 -22.61
C SER A 318 -32.05 -5.28 -22.44
N LEU A 319 -31.82 -4.27 -23.29
CA LEU A 319 -32.63 -3.06 -23.28
C LEU A 319 -34.08 -3.36 -23.67
N ARG A 320 -34.22 -4.25 -24.65
CA ARG A 320 -35.54 -4.66 -25.13
C ARG A 320 -36.33 -5.37 -24.04
N MET A 321 -35.60 -6.00 -23.12
CA MET A 321 -36.22 -6.75 -22.03
C MET A 321 -36.64 -5.83 -20.89
N LEU A 322 -35.83 -4.81 -20.62
CA LEU A 322 -36.15 -3.83 -19.61
C LEU A 322 -37.37 -2.99 -20.01
N GLN A 323 -37.48 -2.74 -21.31
CA GLN A 323 -38.55 -1.91 -21.83
C GLN A 323 -39.90 -2.63 -21.77
N GLN A 324 -39.87 -3.96 -21.75
CA GLN A 324 -41.09 -4.75 -21.64
C GLN A 324 -41.28 -5.26 -20.22
N LYS A 325 -40.46 -4.76 -19.31
CA LYS A 325 -40.53 -5.09 -17.88
C LYS A 325 -40.30 -6.58 -17.58
N ARG A 326 -39.63 -7.27 -18.50
CA ARG A 326 -39.25 -8.66 -18.29
C ARG A 326 -37.90 -8.71 -17.56
N TRP A 327 -37.95 -8.52 -16.24
CA TRP A 327 -36.76 -8.31 -15.43
C TRP A 327 -35.86 -9.54 -15.33
N ASP A 328 -36.41 -10.66 -14.86
CA ASP A 328 -35.64 -11.89 -14.68
C ASP A 328 -34.96 -12.33 -15.98
N GLU A 329 -35.62 -12.07 -17.10
CA GLU A 329 -35.09 -12.40 -18.41
C GLU A 329 -33.91 -11.51 -18.78
N ALA A 330 -33.96 -10.27 -18.32
CA ALA A 330 -32.87 -9.31 -18.56
C ALA A 330 -31.69 -9.62 -17.66
N ALA A 331 -31.98 -10.11 -16.46
CA ALA A 331 -30.96 -10.46 -15.49
C ALA A 331 -30.11 -11.63 -15.97
N VAL A 332 -30.77 -12.61 -16.60
CA VAL A 332 -30.08 -13.76 -17.15
C VAL A 332 -29.14 -13.36 -18.28
N ASN A 333 -29.61 -12.44 -19.12
CA ASN A 333 -28.85 -11.98 -20.27
C ASN A 333 -27.63 -11.15 -19.86
N LEU A 334 -27.81 -10.26 -18.89
CA LEU A 334 -26.74 -9.39 -18.43
C LEU A 334 -25.64 -10.16 -17.69
N ALA A 335 -26.01 -11.30 -17.13
CA ALA A 335 -25.07 -12.11 -16.35
C ALA A 335 -24.11 -12.88 -17.26
N LYS A 336 -24.48 -13.01 -18.53
CA LYS A 336 -23.64 -13.68 -19.51
C LYS A 336 -22.94 -12.68 -20.42
N SER A 337 -22.25 -11.72 -19.80
CA SER A 337 -21.54 -10.69 -20.56
C SER A 337 -20.11 -10.55 -20.04
N ARG A 338 -19.30 -9.76 -20.75
CA ARG A 338 -17.94 -9.49 -20.31
C ARG A 338 -17.94 -8.47 -19.17
N TRP A 339 -18.95 -7.61 -19.18
CA TRP A 339 -19.11 -6.59 -18.15
C TRP A 339 -19.26 -7.21 -16.77
N TYR A 340 -20.12 -8.22 -16.65
CA TYR A 340 -20.33 -8.90 -15.39
C TYR A 340 -19.18 -9.86 -15.05
N ASN A 341 -18.53 -10.38 -16.08
CA ASN A 341 -17.47 -11.36 -15.90
C ASN A 341 -16.19 -10.75 -15.32
N GLN A 342 -15.91 -9.51 -15.69
CA GLN A 342 -14.66 -8.86 -15.28
C GLN A 342 -14.82 -8.09 -13.96
N THR A 343 -15.99 -7.49 -13.77
CA THR A 343 -16.27 -6.73 -12.55
C THR A 343 -17.63 -7.08 -11.97
N PRO A 344 -17.71 -8.22 -11.26
CA PRO A 344 -18.98 -8.76 -10.75
C PRO A 344 -19.63 -7.91 -9.67
N ASN A 345 -18.84 -7.34 -8.77
CA ASN A 345 -19.37 -6.59 -7.63
C ASN A 345 -20.22 -5.39 -8.04
N ARG A 346 -19.68 -4.54 -8.92
CA ARG A 346 -20.40 -3.36 -9.37
C ARG A 346 -21.50 -3.72 -10.37
N ALA A 347 -21.40 -4.92 -10.93
CA ALA A 347 -22.37 -5.39 -11.92
C ALA A 347 -23.57 -6.05 -11.26
N LYS A 348 -23.30 -6.92 -10.28
CA LYS A 348 -24.35 -7.63 -9.57
C LYS A 348 -25.29 -6.67 -8.83
N ARG A 349 -24.73 -5.54 -8.41
CA ARG A 349 -25.51 -4.53 -7.69
C ARG A 349 -26.50 -3.83 -8.62
N VAL A 350 -26.11 -3.67 -9.87
CA VAL A 350 -26.96 -3.02 -10.87
C VAL A 350 -28.05 -3.95 -11.39
N ILE A 351 -27.65 -5.19 -11.70
CA ILE A 351 -28.57 -6.18 -12.22
C ILE A 351 -29.69 -6.50 -11.23
N THR A 352 -29.32 -6.68 -9.96
CA THR A 352 -30.29 -6.98 -8.92
C THR A 352 -31.29 -5.85 -8.74
N THR A 353 -30.81 -4.61 -8.91
CA THR A 353 -31.67 -3.44 -8.84
C THR A 353 -32.78 -3.51 -9.88
N PHE A 354 -32.43 -3.95 -11.08
CA PHE A 354 -33.41 -4.12 -12.15
C PHE A 354 -34.44 -5.18 -11.80
N ARG A 355 -34.04 -6.19 -11.05
CA ARG A 355 -34.94 -7.28 -10.66
C ARG A 355 -35.91 -6.88 -9.57
N THR A 356 -35.38 -6.60 -8.39
CA THR A 356 -36.20 -6.31 -7.21
C THR A 356 -36.96 -4.99 -7.31
N GLY A 357 -36.34 -4.01 -7.98
CA GLY A 357 -36.89 -2.67 -8.05
C GLY A 357 -36.64 -1.91 -6.77
N THR A 358 -35.71 -2.42 -5.96
CA THR A 358 -35.34 -1.79 -4.69
C THR A 358 -33.88 -1.33 -4.72
N TRP A 359 -33.64 -0.13 -4.22
CA TRP A 359 -32.29 0.44 -4.21
C TRP A 359 -31.50 0.01 -2.98
N ASP A 360 -30.25 -0.40 -3.22
CA ASP A 360 -29.35 -0.77 -2.14
C ASP A 360 -28.24 0.28 -2.00
N ALA A 361 -28.25 0.99 -0.89
CA ALA A 361 -27.32 2.10 -0.67
C ALA A 361 -25.88 1.60 -0.50
N TYR A 362 -24.97 2.20 -1.27
CA TYR A 362 -23.56 1.87 -1.16
C TYR A 362 -22.93 2.52 0.07
N ARG A 363 -23.42 3.71 0.42
CA ARG A 363 -22.90 4.45 1.57
C ARG A 363 -23.47 3.92 2.88
N ARG A 364 -24.25 2.84 2.79
CA ARG A 364 -24.74 2.14 3.97
C ARG A 364 -23.69 1.16 4.47
N ARG A 365 -22.98 0.55 3.53
CA ARG A 365 -21.93 -0.41 3.84
C ARG A 365 -20.74 0.24 4.56
N PRO A 366 -20.48 -0.19 5.81
CA PRO A 366 -19.34 0.34 6.57
C PRO A 366 -18.02 -0.22 6.06
N GLY A 367 -16.92 0.48 6.34
CA GLY A 367 -15.61 0.05 5.90
C GLY A 367 -15.12 -1.19 6.62
N ARG A 368 -14.25 -1.96 5.95
CA ARG A 368 -13.68 -3.16 6.53
C ARG A 368 -12.19 -2.99 6.81
N PHE A 369 -11.64 -3.93 7.57
CA PHE A 369 -10.21 -3.95 7.91
C PHE A 369 -9.74 -2.66 8.59
N VAL A 370 -10.63 -2.04 9.34
CA VAL A 370 -10.31 -0.79 10.04
C VAL A 370 -9.36 -1.05 11.20
N ARG A 371 -9.61 -2.13 11.94
CA ARG A 371 -8.77 -2.51 13.08
C ARG A 371 -7.39 -2.96 12.61
N LEU A 372 -7.32 -3.46 11.39
CA LEU A 372 -6.07 -3.95 10.83
C LEU A 372 -5.14 -2.81 10.46
N VAL A 373 -5.65 -1.86 9.69
CA VAL A 373 -4.86 -0.72 9.23
C VAL A 373 -4.35 0.12 10.39
N ALA A 374 -5.20 0.36 11.37
CA ALA A 374 -4.84 1.17 12.54
C ALA A 374 -3.75 0.52 13.36
N ALA A 375 -3.67 -0.81 13.29
CA ALA A 375 -2.68 -1.56 14.04
C ALA A 375 -1.33 -1.59 13.31
N VAL A 376 -1.38 -1.78 11.99
CA VAL A 376 -0.18 -1.84 11.17
C VAL A 376 0.48 -0.46 11.13
N VAL A 377 -0.33 0.58 11.02
CA VAL A 377 0.17 1.96 11.04
C VAL A 377 0.89 2.24 12.36
N ALA A 378 0.28 1.78 13.45
CA ALA A 378 0.87 1.93 14.78
C ALA A 378 2.25 1.29 14.87
N ALA A 379 2.38 0.11 14.27
CA ALA A 379 3.64 -0.62 14.28
C ALA A 379 4.64 0.00 13.31
N PHE A 380 4.11 0.59 12.24
CA PHE A 380 4.93 1.24 11.22
C PHE A 380 5.63 2.48 11.78
N ALA A 381 4.89 3.27 12.55
CA ALA A 381 5.42 4.51 13.12
C ALA A 381 6.37 4.22 14.30
N LEU A 382 6.23 3.05 14.91
CA LEU A 382 7.06 2.70 16.05
C LEU A 382 8.33 1.97 15.66
N CYS A 383 8.40 1.49 14.42
CA CYS A 383 9.56 0.75 13.96
C CYS A 383 10.45 1.59 13.05
N TRP A 384 9.84 2.41 12.21
CA TRP A 384 10.59 3.27 11.30
C TRP A 384 10.79 4.65 11.88
N GLY A 385 10.08 4.94 12.97
CA GLY A 385 10.20 6.21 13.67
C GLY A 385 11.61 6.48 14.18
N PRO A 386 12.05 5.69 15.18
CA PRO A 386 13.39 5.82 15.76
C PRO A 386 14.50 5.74 14.71
N TYR A 387 14.29 4.95 13.66
CA TYR A 387 15.29 4.80 12.61
C TYR A 387 15.64 6.13 11.95
N HIS A 388 14.62 6.80 11.40
CA HIS A 388 14.82 8.04 10.67
C HIS A 388 15.39 9.15 11.57
N VAL A 389 15.16 9.03 12.87
CA VAL A 389 15.69 10.01 13.82
C VAL A 389 17.22 9.95 13.83
N PHE A 390 17.75 8.73 13.83
CA PHE A 390 19.20 8.53 13.84
C PHE A 390 19.81 8.74 12.46
N SER A 391 19.06 8.39 11.42
CA SER A 391 19.53 8.56 10.05
C SER A 391 19.75 10.03 9.70
N LEU A 392 18.87 10.89 10.20
CA LEU A 392 19.01 12.33 10.00
C LEU A 392 20.17 12.88 10.81
N LEU A 393 20.45 12.26 11.95
CA LEU A 393 21.54 12.69 12.80
C LEU A 393 22.90 12.33 12.20
N GLU A 394 22.93 11.23 11.46
CA GLU A 394 24.14 10.79 10.78
C GLU A 394 24.55 11.78 9.70
N ALA A 395 23.56 12.40 9.06
CA ALA A 395 23.81 13.42 8.05
C ALA A 395 24.25 14.71 8.72
N ARG A 396 23.72 14.95 9.93
CA ARG A 396 24.06 16.12 10.72
C ARG A 396 25.45 15.97 11.34
N ALA A 397 25.91 14.72 11.45
CA ALA A 397 27.16 14.41 12.13
C ALA A 397 28.39 14.71 11.28
N HIS A 398 28.19 15.27 10.08
CA HIS A 398 29.29 15.65 9.23
C HIS A 398 29.87 16.99 9.65
N ALA A 399 29.02 17.84 10.21
CA ALA A 399 29.44 19.16 10.67
C ALA A 399 29.70 19.15 12.17
N ASN A 400 28.98 18.30 12.89
CA ASN A 400 29.17 18.17 14.33
C ASN A 400 29.75 16.81 14.71
N PRO A 401 31.01 16.82 15.18
CA PRO A 401 31.75 15.58 15.51
C PRO A 401 31.27 14.92 16.79
N GLY A 402 30.59 15.69 17.65
CA GLY A 402 30.15 15.17 18.94
C GLY A 402 29.02 14.15 18.84
N LEU A 403 28.27 14.19 17.74
CA LEU A 403 27.13 13.30 17.57
C LEU A 403 27.55 11.92 17.07
N ARG A 404 28.79 11.81 16.61
CA ARG A 404 29.29 10.58 16.00
C ARG A 404 29.32 9.36 16.91
N PRO A 405 29.82 9.49 18.16
CA PRO A 405 29.77 8.29 19.01
C PRO A 405 28.34 7.89 19.37
N LEU A 406 27.43 8.86 19.39
CA LEU A 406 26.03 8.59 19.71
C LEU A 406 25.35 7.79 18.61
N VAL A 407 25.73 8.07 17.37
CA VAL A 407 25.16 7.39 16.21
C VAL A 407 25.58 5.93 16.16
N TRP A 408 26.84 5.68 16.50
CA TRP A 408 27.40 4.32 16.45
C TRP A 408 26.75 3.38 17.47
N ARG A 409 26.01 3.95 18.42
CA ARG A 409 25.34 3.15 19.45
C ARG A 409 23.90 2.80 19.07
N GLY A 410 23.15 3.81 18.66
CA GLY A 410 21.73 3.65 18.41
C GLY A 410 21.36 3.10 17.05
N LEU A 411 22.08 3.51 16.02
CA LEU A 411 21.76 3.12 14.64
C LEU A 411 21.72 1.60 14.38
N PRO A 412 22.69 0.83 14.93
CA PRO A 412 22.57 -0.61 14.69
C PRO A 412 21.33 -1.26 15.31
N PHE A 413 20.80 -0.65 16.37
CA PHE A 413 19.64 -1.20 17.05
C PHE A 413 18.34 -0.85 16.32
N VAL A 414 18.13 0.43 16.05
CA VAL A 414 16.91 0.91 15.42
C VAL A 414 16.78 0.42 13.97
N THR A 415 17.91 0.00 13.39
CA THR A 415 17.89 -0.61 12.06
C THR A 415 17.28 -2.00 12.16
N SER A 416 17.72 -2.75 13.16
CA SER A 416 17.18 -4.08 13.43
C SER A 416 15.73 -3.99 13.90
N LEU A 417 15.36 -2.85 14.45
CA LEU A 417 13.98 -2.60 14.87
C LEU A 417 13.05 -2.53 13.66
N ALA A 418 13.50 -1.82 12.62
CA ALA A 418 12.75 -1.73 11.38
C ALA A 418 12.73 -3.08 10.68
N PHE A 419 13.79 -3.87 10.89
CA PHE A 419 13.87 -5.22 10.36
C PHE A 419 12.77 -6.09 10.95
N PHE A 420 12.50 -5.92 12.24
CA PHE A 420 11.56 -6.75 12.96
C PHE A 420 10.11 -6.32 12.72
N ASN A 421 9.93 -5.25 11.94
CA ASN A 421 8.60 -4.79 11.57
C ASN A 421 7.92 -5.79 10.63
N SER A 422 8.73 -6.53 9.88
CA SER A 422 8.23 -7.53 8.93
C SER A 422 7.78 -8.80 9.65
N VAL A 423 8.17 -8.93 10.91
CA VAL A 423 7.79 -10.10 11.71
C VAL A 423 6.58 -9.77 12.58
N ALA A 424 6.38 -8.49 12.85
CA ALA A 424 5.29 -8.04 13.70
C ALA A 424 3.96 -8.03 12.96
N ASN A 425 3.97 -7.53 11.73
CA ASN A 425 2.74 -7.36 10.95
C ASN A 425 1.87 -8.62 10.76
N PRO A 426 2.47 -9.76 10.35
CA PRO A 426 1.61 -10.93 10.15
C PRO A 426 0.88 -11.38 11.42
N VAL A 427 1.51 -11.19 12.58
CA VAL A 427 0.86 -11.48 13.84
C VAL A 427 -0.33 -10.54 14.05
N LEU A 428 -0.13 -9.28 13.66
CA LEU A 428 -1.16 -8.26 13.81
C LEU A 428 -2.31 -8.47 12.82
N TYR A 429 -2.01 -9.13 11.70
CA TYR A 429 -3.03 -9.43 10.70
C TYR A 429 -4.12 -10.32 11.29
N VAL A 430 -3.70 -11.32 12.07
CA VAL A 430 -4.61 -12.29 12.65
C VAL A 430 -5.38 -11.73 13.84
N LEU A 431 -4.68 -11.01 14.70
CA LEU A 431 -5.30 -10.48 15.93
C LEU A 431 -6.38 -9.44 15.67
N THR A 432 -6.35 -8.81 14.51
CA THR A 432 -7.31 -7.76 14.18
C THR A 432 -8.31 -8.20 13.11
N YCM A 433 -8.11 -9.39 12.56
CA YCM A 433 -9.04 -9.91 11.56
CB YCM A 433 -8.53 -9.77 10.14
SG YCM A 433 -9.71 -10.03 8.84
CD YCM A 433 -10.92 -8.77 9.02
CE YCM A 433 -12.12 -9.20 9.83
OZ1 YCM A 433 -12.37 -10.41 10.00
NZ2 YCM A 433 -12.94 -8.23 10.36
C YCM A 433 -9.49 -11.35 11.83
O YCM A 433 -8.84 -12.33 11.48
N PRO A 434 -10.65 -11.49 12.48
CA PRO A 434 -11.28 -12.79 12.78
C PRO A 434 -11.45 -13.68 11.54
N ASP A 435 -11.75 -13.09 10.39
CA ASP A 435 -11.95 -13.86 9.17
C ASP A 435 -10.66 -14.53 8.73
N MET A 436 -9.54 -13.85 8.96
CA MET A 436 -8.22 -14.42 8.66
C MET A 436 -7.90 -15.60 9.57
N LEU A 437 -8.17 -15.42 10.86
CA LEU A 437 -7.88 -16.45 11.85
C LEU A 437 -8.76 -17.69 11.62
N ARG A 438 -10.03 -17.46 11.34
CA ARG A 438 -10.96 -18.55 11.04
C ARG A 438 -10.47 -19.36 9.84
N LYS A 439 -10.10 -18.64 8.78
CA LYS A 439 -9.68 -19.27 7.54
C LYS A 439 -8.34 -19.99 7.71
N LEU A 440 -7.59 -19.58 8.73
CA LEU A 440 -6.31 -20.22 9.03
C LEU A 440 -6.49 -21.54 9.78
N ARG A 441 -7.32 -21.52 10.82
CA ARG A 441 -7.57 -22.73 11.61
C ARG A 441 -8.23 -23.80 10.76
N ARG A 442 -9.05 -23.38 9.81
CA ARG A 442 -9.68 -24.29 8.86
C ARG A 442 -8.64 -25.02 8.02
N SER A 443 -7.71 -24.25 7.46
CA SER A 443 -6.62 -24.81 6.67
C SER A 443 -5.73 -25.70 7.53
N LEU A 444 -5.43 -25.24 8.75
CA LEU A 444 -4.61 -26.00 9.69
C LEU A 444 -5.25 -27.34 10.04
N ARG A 445 -6.56 -27.30 10.30
CA ARG A 445 -7.30 -28.52 10.63
C ARG A 445 -7.32 -29.48 9.45
N THR A 446 -7.55 -28.94 8.25
CA THR A 446 -7.58 -29.75 7.03
C THR A 446 -6.24 -30.42 6.77
N VAL A 447 -5.15 -29.68 7.00
CA VAL A 447 -3.80 -30.22 6.83
C VAL A 447 -3.52 -31.35 7.81
N LEU A 448 -3.85 -31.13 9.08
CA LEU A 448 -3.62 -32.13 10.12
C LEU A 448 -4.50 -33.36 9.94
N GLU A 449 -5.70 -33.17 9.40
CA GLU A 449 -6.61 -34.28 9.15
C GLU A 449 -6.12 -35.16 8.01
N SER A 450 -5.36 -34.58 7.09
CA SER A 450 -4.86 -35.31 5.92
C SER A 450 -3.88 -36.39 6.32
N VAL A 451 -3.11 -36.14 7.37
CA VAL A 451 -2.14 -37.11 7.85
C VAL A 451 -2.83 -38.25 8.58
N LEU A 452 -3.90 -37.93 9.30
CA LEU A 452 -4.67 -38.92 10.04
C LEU A 452 -5.75 -39.54 9.16
S SO4 B . -40.89 -10.00 -28.53
O1 SO4 B . -40.34 -8.91 -27.75
O2 SO4 B . -40.19 -10.09 -29.81
O3 SO4 B . -40.71 -11.25 -27.79
O4 SO4 B . -42.30 -9.77 -28.77
S SO4 C . -25.86 5.55 -2.81
O1 SO4 C . -25.55 4.79 -1.59
O2 SO4 C . -24.95 6.69 -2.89
O3 SO4 C . -27.24 6.01 -2.75
O4 SO4 C . -25.68 4.69 -3.97
S SO4 D . -15.02 -6.15 -8.64
O1 SO4 D . -14.82 -5.33 -7.45
O2 SO4 D . -13.84 -6.06 -9.49
O3 SO4 D . -16.19 -5.67 -9.37
O4 SO4 D . -15.22 -7.54 -8.24
S SO4 E . -14.08 -3.79 0.23
O1 SO4 E . -13.65 -4.66 1.33
O2 SO4 E . -13.29 -4.10 -0.96
O3 SO4 E . -13.88 -2.40 0.60
O4 SO4 E . -15.49 -4.04 -0.04
S SO4 F . -14.10 -14.38 3.05
O1 SO4 F . -13.52 -15.55 2.38
O2 SO4 F . -13.49 -14.24 4.37
O3 SO4 F . -15.54 -14.58 3.20
O4 SO4 F . -13.84 -13.19 2.26
S SO4 G . -16.75 18.30 -2.61
O1 SO4 G . -15.44 18.62 -3.16
O2 SO4 G . -16.61 17.20 -1.64
O3 SO4 G . -17.29 19.47 -1.93
O4 SO4 G . -17.65 17.90 -3.68
S SO4 H . -23.60 18.62 -21.99
O1 SO4 H . -22.90 19.53 -21.08
O2 SO4 H . -22.90 18.60 -23.27
O3 SO4 H . -24.96 19.11 -22.20
O4 SO4 H . -23.64 17.29 -21.41
C1 FT4 I . 26.04 -2.89 11.34
N2 FT4 I . 26.45 -2.48 10.01
C3 FT4 I . 25.42 -1.70 9.37
C5 FT4 I . 24.60 -0.86 10.42
C6 FT4 I . 23.58 0.04 9.74
C7 FT4 I . 22.85 -0.61 8.58
C8 FT4 I . 23.26 -1.82 8.05
C9 FT4 I . 24.52 -2.59 8.57
C10 FT4 I . 22.33 -2.14 6.97
C11 FT4 I . 22.20 -3.19 6.06
C12 FT4 I . 21.15 -3.18 5.13
C13 FT4 I . 20.25 -2.14 5.11
C14 FT4 I . 20.39 -1.08 6.03
C15 FT4 I . 21.43 -1.09 6.96
N16 FT4 I . 21.75 -0.21 7.91
C17 FT4 I . 21.03 1.02 8.19
C18 FT4 I . 21.21 2.05 7.04
O19 FT4 I . 20.84 3.30 7.21
O20 FT4 I . 21.71 1.70 5.97
S21 FT4 I . 27.91 -1.63 10.05
O22 FT4 I . 28.90 -2.36 10.95
O23 FT4 I . 28.48 -1.52 8.64
C24 FT4 I . 27.59 0.04 10.72
C25 FT4 I . 27.31 1.10 9.86
C26 FT4 I . 27.07 2.37 10.39
C27 FT4 I . 27.08 2.57 11.76
C29 FT4 I . 27.34 1.51 12.61
C30 FT4 I . 27.60 0.24 12.08
F28 FT4 I . 26.83 3.81 12.27
O1 MES J . -20.59 -8.49 -24.91
C2 MES J . -21.23 -9.54 -24.19
C3 MES J . -22.37 -10.16 -24.99
N4 MES J . -23.21 -9.08 -25.48
C5 MES J . -22.58 -7.98 -26.21
C6 MES J . -21.49 -7.45 -25.30
C7 MES J . -24.57 -9.44 -25.89
C8 MES J . -25.46 -8.27 -25.50
S MES J . -27.06 -8.62 -25.82
O1S MES J . -27.44 -9.86 -25.12
O2S MES J . -27.25 -8.81 -27.28
O3S MES J . -27.92 -7.51 -25.35
C1 OLA K . -7.19 -2.14 20.63
O1 OLA K . -8.30 -1.92 20.09
O2 OLA K . -7.06 -1.93 21.86
C2 OLA K . -6.03 -2.65 19.81
C3 OLA K . -4.78 -1.83 20.12
C4 OLA K . -4.35 -1.07 18.86
C5 OLA K . -2.89 -0.64 18.97
C6 OLA K . -1.98 -1.83 18.69
C7 OLA K . -0.65 -1.68 19.44
C8 OLA K . 0.47 -2.34 18.64
C9 OLA K . 1.77 -1.57 18.84
C10 OLA K . 2.97 -2.04 18.14
C11 OLA K . 3.21 -3.54 18.08
C12 OLA K . 4.55 -3.84 17.41
C13 OLA K . 5.73 -3.38 18.25
C14 OLA K . 7.05 -3.76 17.60
C15 OLA K . 7.33 -5.26 17.71
C16 OLA K . 8.55 -5.65 16.89
C17 OLA K . 9.37 -6.75 17.56
C18 OLA K . 9.28 -8.06 16.79
C1 OLA L . -2.35 -9.63 -7.04
O1 OLA L . -1.15 -9.92 -6.80
O2 OLA L . -2.61 -8.55 -7.63
C2 OLA L . -3.47 -10.55 -6.62
C3 OLA L . -3.35 -11.92 -7.28
C4 OLA L . -4.10 -12.98 -6.46
C5 OLA L . -3.72 -14.40 -6.84
C6 OLA L . -2.49 -14.85 -6.06
C7 OLA L . -2.13 -16.30 -6.37
C8 OLA L . -0.86 -16.73 -5.67
C9 OLA L . -0.96 -16.55 -4.17
C10 OLA L . 0.21 -16.94 -3.36
C11 OLA L . 0.97 -18.18 -3.74
C12 OLA L . 2.30 -18.27 -3.00
C13 OLA L . 2.19 -19.07 -1.71
C14 OLA L . 3.42 -18.87 -0.83
C15 OLA L . 4.71 -18.99 -1.64
C16 OLA L . 5.92 -18.62 -0.79
C17 OLA L . 7.09 -19.54 -1.05
C18 OLA L . 7.78 -19.21 -2.37
C1 PGE M . -8.41 2.76 -6.63
O1 PGE M . -9.46 1.83 -6.38
C2 PGE M . -8.27 3.68 -5.45
O2 PGE M . -7.15 4.53 -5.65
C3 PGE M . -6.73 5.21 -4.49
C4 PGE M . -5.34 5.78 -4.72
O4 PGE M . -5.37 8.26 -7.85
C6 PGE M . -4.39 8.61 -6.88
C5 PGE M . -4.18 7.43 -5.95
O3 PGE M . -5.44 6.92 -5.55
C1 PGE N . -33.21 12.11 -11.32
O1 PGE N . -33.41 12.97 -12.43
C2 PGE N . -31.71 12.00 -11.03
O2 PGE N . -31.53 11.75 -9.65
C3 PGE N . -31.19 12.93 -8.95
C4 PGE N . -30.90 12.57 -7.50
O4 PGE N . -30.04 15.31 -3.69
C6 PGE N . -29.58 14.92 -4.98
C5 PGE N . -30.56 13.93 -5.59
O3 PGE N . -30.14 13.61 -6.91
C1 PGO O . -16.07 -10.69 13.48
C2 PGO O . -15.57 -10.16 12.14
C3 PGO O . -16.05 -8.74 11.91
O1 PGO O . -15.66 -9.81 14.54
O2 PGO O . -16.06 -10.98 11.07
C1 PGO P . 1.48 8.83 -2.12
C2 PGO P . 2.99 8.65 -2.12
C3 PGO P . 3.64 9.46 -1.01
O1 PGO P . 0.90 8.09 -3.20
O2 PGO P . 3.53 9.07 -3.38
C1 PGO Q . 32.45 -2.27 14.73
C2 PGO Q . 31.74 -1.87 13.44
C3 PGO Q . 32.11 -2.80 12.30
O1 PGO Q . 31.75 -3.37 15.33
O2 PGO Q . 32.08 -0.52 13.09
C1 PGO R . 19.32 -18.50 8.70
C2 PGO R . 18.31 -19.61 8.97
C3 PGO R . 17.20 -19.65 7.92
O1 PGO R . 20.42 -18.60 9.62
O2 PGO R . 17.72 -19.41 10.26
C1 PEG S . 16.10 -3.74 -5.71
O1 PEG S . 16.22 -5.11 -6.11
C2 PEG S . 15.96 -2.85 -6.95
O2 PEG S . 17.04 -1.93 -6.99
C3 PEG S . 17.29 -1.46 -8.31
C4 PEG S . 18.81 -1.30 -8.50
O4 PEG S . 19.07 -0.92 -9.86
#